data_2PS1
#
_entry.id   2PS1
#
_cell.length_a   41.788
_cell.length_b   50.051
_cell.length_c   50.078
_cell.angle_alpha   90.59
_cell.angle_beta   105.88
_cell.angle_gamma   92.99
#
_symmetry.space_group_name_H-M   'P 1'
#
loop_
_entity.id
_entity.type
_entity.pdbx_description
1 polymer 'Orotate phosphoribosyltransferase 1'
2 non-polymer 'MAGNESIUM ION'
3 non-polymer 'OROTIC ACID'
4 non-polymer 1-O-pyrophosphono-5-O-phosphono-alpha-D-ribofuranose
5 water water
#
_entity_poly.entity_id   1
_entity_poly.type   'polypeptide(L)'
_entity_poly.pdbx_seq_one_letter_code
;MPIMLEDYQKNFLELAIECQALRFGSFKLKSGRESPYFFNLGLFNTGKLLSNLATAYAIAIIQSDLKFDVIFGPAYKGIP
LAAIVCVKLAEIGGSKFQNIQYAFNRKEAKDHGEGGIIVGSALENKRILIIDDVMTAGTAINEAFEIISNAKGQVVGSII
ALDRQEVVSTDDKEGLSATQTVSKKYGIPVLSIVSLIHIITYLEGRITAEEKSKIEQYLQTYGASA
;
_entity_poly.pdbx_strand_id   A,B
#
loop_
_chem_comp.id
_chem_comp.type
_chem_comp.name
_chem_comp.formula
MG non-polymer 'MAGNESIUM ION' 'Mg 2'
ORO non-polymer 'OROTIC ACID' 'C5 H4 N2 O4'
PRP D-saccharide 1-O-pyrophosphono-5-O-phosphono-alpha-D-ribofuranose 'C5 H13 O14 P3'
#
# COMPACT_ATOMS: atom_id res chain seq x y z
N ILE A 3 26.27 -10.12 19.68
CA ILE A 3 24.99 -9.51 20.19
C ILE A 3 25.01 -7.98 20.18
N MET A 4 25.75 -7.41 19.23
CA MET A 4 25.84 -5.95 19.09
C MET A 4 24.99 -5.45 17.92
N LEU A 5 24.04 -4.56 18.24
CA LEU A 5 23.10 -4.06 17.25
C LEU A 5 23.66 -2.90 16.43
N GLU A 6 23.31 -2.87 15.15
CA GLU A 6 23.70 -1.78 14.27
C GLU A 6 22.83 -0.56 14.56
N ASP A 7 23.30 0.62 14.17
CA ASP A 7 22.59 1.87 14.41
C ASP A 7 21.13 1.83 13.96
N TYR A 8 20.90 1.40 12.72
CA TYR A 8 19.55 1.41 12.15
C TYR A 8 18.63 0.37 12.81
N GLN A 9 19.23 -0.67 13.37
CA GLN A 9 18.48 -1.70 14.11
C GLN A 9 18.01 -1.16 15.45
N LYS A 10 18.90 -0.45 16.14
CA LYS A 10 18.57 0.20 17.41
C LYS A 10 17.48 1.25 17.20
N ASN A 11 17.61 2.03 16.14
CA ASN A 11 16.63 3.04 15.75
C ASN A 11 15.26 2.41 15.50
N PHE A 12 15.26 1.32 14.73
CA PHE A 12 14.04 0.60 14.39
C PHE A 12 13.34 0.01 15.61
N LEU A 13 14.09 -0.69 16.46
CA LEU A 13 13.55 -1.30 17.67
C LEU A 13 13.00 -0.28 18.66
N GLU A 14 13.70 0.85 18.80
CA GLU A 14 13.26 1.94 19.66
C GLU A 14 11.86 2.40 19.24
N LEU A 15 11.67 2.56 17.93
CA LEU A 15 10.39 2.99 17.36
C LEU A 15 9.31 1.92 17.49
N ALA A 16 9.70 0.66 17.32
CA ALA A 16 8.78 -0.48 17.46
C ALA A 16 8.16 -0.52 18.86
N ILE A 17 8.96 -0.21 19.88
CA ILE A 17 8.48 -0.14 21.26
C ILE A 17 7.56 1.07 21.46
N GLU A 18 8.01 2.23 20.98
CA GLU A 18 7.26 3.48 21.09
C GLU A 18 5.82 3.36 20.58
N CYS A 19 5.66 2.93 19.34
CA CYS A 19 4.33 2.85 18.71
C CYS A 19 3.56 1.58 19.06
N GLN A 20 4.17 0.73 19.89
CA GLN A 20 3.57 -0.53 20.37
C GLN A 20 3.39 -1.60 19.28
N ALA A 21 4.27 -1.58 18.28
CA ALA A 21 4.26 -2.58 17.22
C ALA A 21 4.59 -3.97 17.78
N LEU A 22 5.47 -4.00 18.77
CA LEU A 22 5.85 -5.24 19.43
C LEU A 22 5.02 -5.39 20.70
N ARG A 23 4.27 -6.50 20.78
CA ARG A 23 3.35 -6.73 21.89
C ARG A 23 3.50 -8.13 22.48
N PHE A 24 3.34 -8.23 23.79
CA PHE A 24 3.38 -9.52 24.49
C PHE A 24 1.98 -9.88 24.97
N GLY A 25 1.64 -11.16 24.84
CA GLY A 25 0.34 -11.67 25.27
C GLY A 25 0.07 -13.07 24.81
N SER A 26 -1.03 -13.24 24.07
CA SER A 26 -1.42 -14.52 23.49
C SER A 26 -2.04 -14.29 22.12
N PHE A 27 -1.37 -14.81 21.09
CA PHE A 27 -1.77 -14.56 19.70
C PHE A 27 -1.79 -15.85 18.88
N LYS A 28 -2.83 -15.99 18.06
CA LYS A 28 -2.89 -17.07 17.08
C LYS A 28 -2.24 -16.58 15.79
N LEU A 29 -1.12 -17.18 15.43
CA LEU A 29 -0.41 -16.80 14.20
C LEU A 29 -1.10 -17.38 12.97
N LYS A 30 -0.71 -16.91 11.79
CA LYS A 30 -1.29 -17.44 10.54
C LYS A 30 -1.12 -18.95 10.46
N SER A 31 0.03 -19.44 10.90
CA SER A 31 0.34 -20.86 10.93
C SER A 31 -0.48 -21.64 11.95
N GLY A 32 -1.20 -20.92 12.82
CA GLY A 32 -2.01 -21.55 13.86
C GLY A 32 -1.26 -21.77 15.15
N ARG A 33 -0.01 -21.30 15.20
CA ARG A 33 0.82 -21.38 16.40
C ARG A 33 0.39 -20.35 17.43
N GLU A 34 0.36 -20.77 18.69
CA GLU A 34 0.05 -19.88 19.81
C GLU A 34 1.31 -19.21 20.33
N SER A 35 1.48 -17.94 19.95
CA SER A 35 2.69 -17.18 20.26
C SER A 35 2.47 -16.23 21.43
N PRO A 36 3.49 -16.08 22.29
CA PRO A 36 3.45 -15.14 23.42
C PRO A 36 3.82 -13.70 23.04
N TYR A 37 4.20 -13.48 21.78
CA TYR A 37 4.47 -12.15 21.27
C TYR A 37 4.01 -12.01 19.82
N PHE A 38 3.75 -10.78 19.41
CA PHE A 38 3.30 -10.48 18.05
C PHE A 38 3.90 -9.17 17.62
N PHE A 39 4.38 -9.12 16.38
CA PHE A 39 4.94 -7.92 15.82
C PHE A 39 4.03 -7.41 14.70
N ASN A 40 3.35 -6.31 14.97
CA ASN A 40 2.37 -5.75 14.04
C ASN A 40 2.88 -4.47 13.39
N LEU A 41 3.32 -4.57 12.15
CA LEU A 41 3.85 -3.44 11.40
C LEU A 41 2.78 -2.38 11.06
N GLY A 42 1.51 -2.75 11.23
CA GLY A 42 0.40 -1.82 11.03
C GLY A 42 0.36 -0.69 12.04
N LEU A 43 1.20 -0.77 13.06
CA LEU A 43 1.28 0.27 14.08
C LEU A 43 2.28 1.36 13.71
N PHE A 44 3.15 1.09 12.73
CA PHE A 44 3.97 2.13 12.10
C PHE A 44 3.07 2.89 11.14
N ASN A 45 2.21 3.75 11.68
CA ASN A 45 1.10 4.28 10.87
C ASN A 45 0.99 5.80 10.74
N THR A 46 1.88 6.54 11.40
CA THR A 46 2.01 7.98 11.15
C THR A 46 2.92 8.19 9.93
N GLY A 47 2.91 9.40 9.37
CA GLY A 47 3.77 9.73 8.24
C GLY A 47 5.23 9.53 8.60
N LYS A 48 5.61 9.97 9.80
CA LYS A 48 6.97 9.80 10.30
C LYS A 48 7.33 8.33 10.46
N LEU A 49 6.46 7.56 11.13
CA LEU A 49 6.75 6.14 11.36
C LEU A 49 6.85 5.33 10.06
N LEU A 50 5.97 5.62 9.10
CA LEU A 50 6.07 4.99 7.77
C LEU A 50 7.40 5.31 7.11
N SER A 51 7.82 6.58 7.17
CA SER A 51 9.10 7.01 6.61
C SER A 51 10.26 6.32 7.31
N ASN A 52 10.19 6.26 8.64
CA ASN A 52 11.20 5.57 9.45
C ASN A 52 11.27 4.09 9.12
N LEU A 53 10.11 3.48 8.92
CA LEU A 53 10.02 2.06 8.56
C LEU A 53 10.66 1.82 7.20
N ALA A 54 10.35 2.69 6.24
CA ALA A 54 10.91 2.59 4.90
C ALA A 54 12.44 2.76 4.91
N THR A 55 12.91 3.66 5.77
CA THR A 55 14.35 3.89 5.92
C THR A 55 15.06 2.62 6.42
N ALA A 56 14.48 1.97 7.43
CA ALA A 56 15.03 0.72 7.97
C ALA A 56 15.19 -0.35 6.89
N TYR A 57 14.15 -0.58 6.09
CA TYR A 57 14.21 -1.53 4.99
C TYR A 57 15.25 -1.11 3.95
N ALA A 58 15.22 0.16 3.56
CA ALA A 58 16.14 0.69 2.55
C ALA A 58 17.61 0.53 2.96
N ILE A 59 17.92 0.81 4.23
CA ILE A 59 19.29 0.63 4.74
C ILE A 59 19.73 -0.83 4.63
N ALA A 60 18.85 -1.75 5.03
CA ALA A 60 19.14 -3.19 4.91
C ALA A 60 19.32 -3.62 3.46
N ILE A 61 18.51 -3.06 2.56
CA ILE A 61 18.60 -3.38 1.13
C ILE A 61 19.89 -2.82 0.52
N ILE A 62 20.19 -1.56 0.82
CA ILE A 62 21.44 -0.94 0.35
C ILE A 62 22.67 -1.72 0.86
N GLN A 63 22.63 -2.12 2.12
CA GLN A 63 23.72 -2.87 2.74
C GLN A 63 24.05 -4.15 1.98
N SER A 64 23.02 -4.86 1.52
CA SER A 64 23.17 -6.16 0.85
C SER A 64 23.79 -6.06 -0.53
N ASP A 65 23.72 -4.86 -1.12
CA ASP A 65 24.17 -4.59 -2.49
C ASP A 65 23.42 -5.42 -3.56
N LEU A 66 22.23 -5.89 -3.20
CA LEU A 66 21.38 -6.67 -4.12
C LEU A 66 20.89 -5.82 -5.29
N LYS A 67 20.94 -6.40 -6.49
CA LYS A 67 20.49 -5.74 -7.71
C LYS A 67 19.14 -6.30 -8.12
N PHE A 68 18.16 -5.41 -8.36
CA PHE A 68 16.82 -5.84 -8.73
C PHE A 68 16.04 -4.74 -9.46
N ASP A 69 14.91 -5.12 -10.04
CA ASP A 69 14.10 -4.21 -10.83
C ASP A 69 12.81 -3.80 -10.13
N VAL A 70 12.17 -4.77 -9.49
CA VAL A 70 10.87 -4.56 -8.86
C VAL A 70 10.90 -5.03 -7.41
N ILE A 71 10.30 -4.23 -6.53
CA ILE A 71 10.03 -4.66 -5.16
C ILE A 71 8.55 -5.05 -5.04
N PHE A 72 8.32 -6.31 -4.68
CA PHE A 72 7.00 -6.91 -4.66
C PHE A 72 6.56 -7.18 -3.23
N GLY A 73 5.40 -6.65 -2.86
CA GLY A 73 4.85 -6.87 -1.52
C GLY A 73 3.55 -7.65 -1.57
N PRO A 74 3.51 -8.83 -0.93
CA PRO A 74 2.27 -9.62 -0.98
C PRO A 74 1.18 -9.06 -0.08
N ALA A 75 -0.08 -9.19 -0.51
CA ALA A 75 -1.23 -8.76 0.30
C ALA A 75 -1.23 -9.45 1.66
N TYR A 76 -1.57 -8.74 2.74
CA TYR A 76 -1.90 -7.31 2.71
C TYR A 76 -0.79 -6.42 3.22
N LYS A 77 -0.10 -6.87 4.29
CA LYS A 77 0.98 -6.09 4.92
C LYS A 77 2.06 -5.65 3.95
N GLY A 78 2.37 -6.49 2.97
CA GLY A 78 3.37 -6.20 1.95
C GLY A 78 3.05 -5.05 1.01
N ILE A 79 1.76 -4.72 0.87
CA ILE A 79 1.33 -3.69 -0.08
C ILE A 79 1.87 -2.28 0.24
N PRO A 80 1.58 -1.74 1.45
CA PRO A 80 2.14 -0.42 1.74
C PRO A 80 3.67 -0.46 1.83
N LEU A 81 4.21 -1.61 2.23
CA LEU A 81 5.67 -1.77 2.35
C LEU A 81 6.37 -1.61 1.00
N ALA A 82 5.86 -2.29 -0.02
CA ALA A 82 6.41 -2.19 -1.38
C ALA A 82 6.39 -0.73 -1.86
N ALA A 83 5.28 -0.04 -1.61
CA ALA A 83 5.12 1.35 -2.05
C ALA A 83 6.11 2.29 -1.36
N ILE A 84 6.13 2.28 -0.03
CA ILE A 84 6.96 3.21 0.73
C ILE A 84 8.46 2.97 0.58
N VAL A 85 8.84 1.69 0.44
CA VAL A 85 10.26 1.35 0.28
C VAL A 85 10.73 1.67 -1.14
N CYS A 86 9.87 1.46 -2.13
CA CYS A 86 10.15 1.88 -3.51
C CYS A 86 10.42 3.38 -3.57
N VAL A 87 9.54 4.16 -2.95
CA VAL A 87 9.71 5.62 -2.84
C VAL A 87 11.02 5.97 -2.13
N LYS A 88 11.27 5.32 -0.99
CA LYS A 88 12.45 5.61 -0.16
C LYS A 88 13.75 5.31 -0.90
N LEU A 89 13.79 4.20 -1.63
CA LEU A 89 15.00 3.79 -2.34
C LEU A 89 15.33 4.73 -3.50
N ALA A 90 14.29 5.25 -4.15
CA ALA A 90 14.47 6.24 -5.21
C ALA A 90 14.91 7.59 -4.65
N GLU A 91 14.55 7.84 -3.39
CA GLU A 91 14.93 9.07 -2.68
C GLU A 91 16.37 9.06 -2.19
N ILE A 92 16.80 7.93 -1.62
CA ILE A 92 18.10 7.85 -0.96
C ILE A 92 19.14 6.98 -1.71
N GLY A 93 18.68 6.35 -2.80
CA GLY A 93 19.55 5.48 -3.60
C GLY A 93 20.57 6.22 -4.44
N GLY A 94 20.32 7.50 -4.68
CA GLY A 94 21.24 8.35 -5.45
C GLY A 94 21.10 8.19 -6.95
N SER A 95 21.57 7.07 -7.47
CA SER A 95 21.50 6.76 -8.90
C SER A 95 21.28 5.27 -9.16
N LYS A 96 21.44 4.46 -8.12
CA LYS A 96 21.35 3.01 -8.20
C LYS A 96 19.90 2.51 -8.33
N PHE A 97 18.98 3.21 -7.66
CA PHE A 97 17.58 2.79 -7.60
C PHE A 97 16.63 3.78 -8.28
N GLN A 98 17.12 4.46 -9.33
CA GLN A 98 16.31 5.48 -9.99
C GLN A 98 15.28 4.89 -10.95
N ASN A 99 15.46 3.63 -11.32
CA ASN A 99 14.52 2.94 -12.19
C ASN A 99 13.63 1.98 -11.42
N ILE A 100 13.80 1.95 -10.10
CA ILE A 100 13.11 0.97 -9.24
C ILE A 100 11.59 1.02 -9.37
N GLN A 101 10.98 -0.16 -9.50
CA GLN A 101 9.53 -0.29 -9.61
C GLN A 101 8.92 -1.05 -8.44
N TYR A 102 7.61 -0.87 -8.24
CA TYR A 102 6.89 -1.61 -7.20
C TYR A 102 5.76 -2.46 -7.78
N ALA A 103 5.35 -3.47 -7.02
CA ALA A 103 4.21 -4.31 -7.38
C ALA A 103 3.63 -5.00 -6.14
N PHE A 104 2.38 -5.42 -6.27
CA PHE A 104 1.71 -6.23 -5.26
C PHE A 104 0.58 -7.04 -5.89
N ASN A 105 0.04 -7.99 -5.13
CA ASN A 105 -1.04 -8.83 -5.62
C ASN A 105 -2.37 -8.54 -4.92
N ARG A 106 -3.46 -8.76 -5.66
CA ARG A 106 -4.78 -8.89 -5.05
C ARG A 106 -4.92 -10.33 -4.57
N LYS A 107 -5.76 -10.57 -3.58
CA LYS A 107 -6.05 -11.94 -3.15
C LYS A 107 -6.77 -12.74 -4.24
N GLU A 108 -7.58 -12.04 -5.04
CA GLU A 108 -8.34 -12.68 -6.11
C GLU A 108 -8.24 -11.86 -7.40
N ALA A 109 -8.23 -12.56 -8.52
CA ALA A 109 -8.13 -11.91 -9.83
C ALA A 109 -9.28 -10.92 -10.04
N LYS A 110 -8.93 -9.75 -10.56
CA LYS A 110 -9.92 -8.72 -10.90
C LYS A 110 -10.64 -9.13 -12.19
N ASP A 111 -11.97 -9.25 -12.12
CA ASP A 111 -12.78 -9.76 -13.24
C ASP A 111 -13.32 -8.67 -14.18
N HIS A 112 -12.71 -7.49 -14.11
CA HIS A 112 -13.10 -6.32 -14.91
C HIS A 112 -11.92 -5.36 -14.94
N GLY A 113 -12.10 -4.21 -15.59
CA GLY A 113 -11.04 -3.20 -15.69
C GLY A 113 -9.81 -3.73 -16.41
N GLU A 114 -8.65 -3.51 -15.79
CA GLU A 114 -7.37 -3.98 -16.35
C GLU A 114 -7.15 -5.48 -16.12
N GLY A 115 -7.94 -6.06 -15.21
CA GLY A 115 -7.87 -7.49 -14.90
C GLY A 115 -6.61 -7.89 -14.17
N GLY A 116 -6.46 -9.19 -13.92
CA GLY A 116 -5.25 -9.75 -13.31
C GLY A 116 -5.19 -9.67 -11.80
N ILE A 117 -4.12 -10.24 -11.23
CA ILE A 117 -3.86 -10.18 -9.79
C ILE A 117 -2.74 -9.21 -9.42
N ILE A 118 -1.85 -8.91 -10.38
CA ILE A 118 -0.70 -8.03 -10.13
C ILE A 118 -1.00 -6.55 -10.39
N VAL A 119 -0.77 -5.71 -9.38
CA VAL A 119 -0.90 -4.26 -9.49
C VAL A 119 0.49 -3.65 -9.44
N GLY A 120 0.72 -2.61 -10.24
CA GLY A 120 2.00 -1.94 -10.32
C GLY A 120 2.75 -2.38 -11.57
N SER A 121 4.02 -2.73 -11.40
CA SER A 121 4.88 -3.15 -12.51
C SER A 121 4.51 -4.55 -12.97
N ALA A 122 4.58 -4.77 -14.29
CA ALA A 122 4.50 -6.12 -14.86
C ALA A 122 5.76 -6.86 -14.44
N LEU A 123 5.61 -8.14 -14.11
CA LEU A 123 6.71 -8.91 -13.49
C LEU A 123 7.58 -9.68 -14.48
N GLU A 124 7.02 -10.01 -15.64
CA GLU A 124 7.73 -10.84 -16.63
C GLU A 124 9.13 -10.30 -16.95
N ASN A 125 10.12 -11.19 -16.84
CA ASN A 125 11.52 -10.91 -17.19
C ASN A 125 12.23 -9.87 -16.33
N LYS A 126 11.68 -9.60 -15.15
CA LYS A 126 12.31 -8.65 -14.23
C LYS A 126 12.82 -9.35 -12.98
N ARG A 127 13.83 -8.75 -12.34
CA ARG A 127 14.39 -9.26 -11.10
C ARG A 127 13.55 -8.74 -9.94
N ILE A 128 13.07 -9.66 -9.11
CA ILE A 128 12.10 -9.30 -8.08
C ILE A 128 12.66 -9.46 -6.67
N LEU A 129 12.50 -8.41 -5.87
CA LEU A 129 12.75 -8.48 -4.45
C LEU A 129 11.40 -8.58 -3.75
N ILE A 130 11.20 -9.63 -2.96
CA ILE A 130 9.97 -9.78 -2.19
C ILE A 130 10.15 -9.10 -0.84
N ILE A 131 9.24 -8.19 -0.52
CA ILE A 131 9.23 -7.53 0.77
C ILE A 131 8.02 -7.98 1.58
N ASP A 132 8.24 -8.30 2.85
CA ASP A 132 7.14 -8.62 3.76
C ASP A 132 7.47 -8.13 5.17
N ASP A 133 6.50 -8.20 6.07
CA ASP A 133 6.70 -7.73 7.44
C ASP A 133 7.50 -8.71 8.30
N VAL A 134 7.08 -9.97 8.31
CA VAL A 134 7.66 -10.98 9.20
C VAL A 134 7.69 -12.33 8.49
N MET A 135 8.60 -13.21 8.91
CA MET A 135 8.55 -14.61 8.51
C MET A 135 8.47 -15.53 9.71
N THR A 136 7.51 -16.43 9.67
CA THR A 136 7.29 -17.39 10.75
C THR A 136 7.59 -18.81 10.25
N ALA A 137 6.66 -19.40 9.50
CA ALA A 137 6.88 -20.73 8.92
C ALA A 137 7.32 -20.66 7.46
N GLY A 138 7.15 -19.48 6.86
CA GLY A 138 7.59 -19.25 5.48
C GLY A 138 6.54 -19.51 4.40
N THR A 139 5.31 -19.77 4.84
CA THR A 139 4.19 -20.08 3.92
C THR A 139 3.89 -18.91 2.98
N ALA A 140 3.82 -17.70 3.54
CA ALA A 140 3.51 -16.50 2.76
C ALA A 140 4.54 -16.22 1.66
N ILE A 141 5.82 -16.35 1.99
CA ILE A 141 6.90 -16.11 1.01
C ILE A 141 6.90 -17.16 -0.10
N ASN A 142 6.64 -18.41 0.25
CA ASN A 142 6.50 -19.47 -0.75
C ASN A 142 5.34 -19.23 -1.70
N GLU A 143 4.22 -18.75 -1.15
CA GLU A 143 3.07 -18.40 -1.98
C GLU A 143 3.36 -17.19 -2.87
N ALA A 144 4.13 -16.23 -2.35
CA ALA A 144 4.59 -15.08 -3.13
C ALA A 144 5.52 -15.51 -4.27
N PHE A 145 6.42 -16.46 -3.97
CA PHE A 145 7.34 -17.00 -4.97
C PHE A 145 6.58 -17.60 -6.15
N GLU A 146 5.56 -18.39 -5.84
CA GLU A 146 4.72 -19.03 -6.87
C GLU A 146 3.99 -17.99 -7.73
N ILE A 147 3.37 -17.00 -7.08
CA ILE A 147 2.72 -15.89 -7.79
C ILE A 147 3.67 -15.23 -8.80
N ILE A 148 4.90 -14.94 -8.34
CA ILE A 148 5.91 -14.31 -9.19
C ILE A 148 6.38 -15.24 -10.31
N SER A 149 6.61 -16.51 -9.97
CA SER A 149 6.99 -17.53 -10.95
C SER A 149 5.92 -17.68 -12.05
N ASN A 150 4.66 -17.69 -11.63
CA ASN A 150 3.52 -17.72 -12.55
C ASN A 150 3.44 -16.50 -13.46
N ALA A 151 3.93 -15.35 -12.95
CA ALA A 151 3.95 -14.10 -13.70
C ALA A 151 5.22 -13.97 -14.55
N LYS A 152 6.07 -15.01 -14.50
CA LYS A 152 7.32 -15.09 -15.26
C LYS A 152 8.40 -14.10 -14.82
N GLY A 153 8.29 -13.64 -13.58
CA GLY A 153 9.34 -12.85 -12.95
C GLY A 153 10.38 -13.77 -12.33
N GLN A 154 11.54 -13.22 -12.01
CA GLN A 154 12.61 -13.98 -11.39
C GLN A 154 12.92 -13.40 -10.02
N VAL A 155 12.67 -14.18 -8.97
CA VAL A 155 12.96 -13.74 -7.60
C VAL A 155 14.45 -13.80 -7.34
N VAL A 156 15.02 -12.69 -6.90
CA VAL A 156 16.45 -12.61 -6.62
C VAL A 156 16.76 -12.37 -5.15
N GLY A 157 15.71 -12.16 -4.35
CA GLY A 157 15.89 -11.98 -2.92
C GLY A 157 14.61 -11.69 -2.19
N SER A 158 14.69 -11.71 -0.87
CA SER A 158 13.56 -11.36 -0.02
C SER A 158 14.03 -10.53 1.16
N ILE A 159 13.18 -9.62 1.61
CA ILE A 159 13.46 -8.84 2.83
C ILE A 159 12.25 -8.78 3.75
N ILE A 160 12.50 -9.01 5.04
CA ILE A 160 11.48 -8.90 6.08
C ILE A 160 11.95 -7.99 7.19
N ALA A 161 11.02 -7.41 7.94
CA ALA A 161 11.38 -6.59 9.10
C ALA A 161 11.85 -7.47 10.25
N LEU A 162 11.09 -8.52 10.54
CA LEU A 162 11.42 -9.41 11.65
C LEU A 162 11.57 -10.86 11.24
N ASP A 163 12.77 -11.40 11.47
CA ASP A 163 13.01 -12.83 11.36
C ASP A 163 12.68 -13.44 12.73
N ARG A 164 11.57 -14.15 12.80
CA ARG A 164 11.12 -14.73 14.06
C ARG A 164 11.95 -15.94 14.49
N GLN A 165 12.85 -16.37 13.60
CA GLN A 165 13.80 -17.45 13.87
C GLN A 165 13.12 -18.76 14.28
N GLU A 166 12.03 -19.06 13.59
CA GLU A 166 11.26 -20.28 13.81
C GLU A 166 11.41 -21.27 12.66
N VAL A 167 11.14 -22.54 12.96
CA VAL A 167 11.21 -23.61 11.97
C VAL A 167 9.99 -23.57 11.05
N VAL A 168 10.15 -24.11 9.85
CA VAL A 168 9.04 -24.32 8.92
C VAL A 168 8.07 -25.33 9.52
N SER A 169 8.64 -26.43 10.01
CA SER A 169 7.91 -27.50 10.66
C SER A 169 8.78 -28.08 11.75
N THR A 170 8.16 -28.51 12.84
CA THR A 170 8.86 -29.13 13.97
C THR A 170 9.49 -30.47 13.58
N ASP A 171 9.11 -30.98 12.41
CA ASP A 171 9.62 -32.25 11.92
C ASP A 171 10.87 -32.11 11.03
N ASP A 172 11.22 -30.88 10.66
CA ASP A 172 12.43 -30.61 9.88
C ASP A 172 13.68 -31.04 10.64
N LYS A 173 14.50 -31.86 10.00
CA LYS A 173 15.62 -32.52 10.67
C LYS A 173 16.81 -31.63 11.02
N GLU A 174 17.14 -30.71 10.11
CA GLU A 174 18.33 -29.88 10.29
C GLU A 174 18.13 -28.78 11.33
N GLY A 175 16.87 -28.40 11.55
CA GLY A 175 16.53 -27.34 12.50
C GLY A 175 16.83 -25.96 11.97
N LEU A 176 16.83 -25.83 10.64
CA LEU A 176 17.02 -24.54 9.98
C LEU A 176 15.77 -23.69 10.17
N SER A 177 15.98 -22.38 10.31
CA SER A 177 14.87 -21.44 10.40
C SER A 177 14.16 -21.32 9.06
N ALA A 178 12.96 -20.72 9.07
CA ALA A 178 12.20 -20.47 7.86
C ALA A 178 13.03 -19.67 6.85
N THR A 179 13.69 -18.60 7.32
CA THR A 179 14.52 -17.75 6.45
C THR A 179 15.69 -18.52 5.85
N GLN A 180 16.31 -19.37 6.66
CA GLN A 180 17.43 -20.21 6.19
C GLN A 180 16.95 -21.25 5.18
N THR A 181 15.79 -21.83 5.44
CA THR A 181 15.20 -22.86 4.56
C THR A 181 14.85 -22.26 3.20
N VAL A 182 14.20 -21.10 3.21
CA VAL A 182 13.84 -20.38 1.99
C VAL A 182 15.09 -20.01 1.18
N SER A 183 16.10 -19.48 1.87
CA SER A 183 17.37 -19.10 1.25
C SER A 183 18.01 -20.27 0.51
N LYS A 184 18.10 -21.41 1.18
CA LYS A 184 18.68 -22.63 0.60
C LYS A 184 17.80 -23.23 -0.50
N LYS A 185 16.48 -23.18 -0.30
CA LYS A 185 15.50 -23.73 -1.23
C LYS A 185 15.54 -23.04 -2.60
N TYR A 186 15.62 -21.71 -2.58
CA TYR A 186 15.55 -20.92 -3.82
C TYR A 186 16.90 -20.36 -4.28
N GLY A 187 17.93 -20.50 -3.44
CA GLY A 187 19.27 -19.99 -3.74
C GLY A 187 19.33 -18.47 -3.82
N ILE A 188 18.61 -17.81 -2.92
CA ILE A 188 18.53 -16.35 -2.89
C ILE A 188 18.82 -15.83 -1.48
N PRO A 189 19.35 -14.60 -1.37
CA PRO A 189 19.51 -14.01 -0.04
C PRO A 189 18.16 -13.67 0.59
N VAL A 190 18.03 -13.96 1.88
CA VAL A 190 16.87 -13.53 2.65
C VAL A 190 17.36 -12.56 3.71
N LEU A 191 16.97 -11.30 3.55
CA LEU A 191 17.41 -10.22 4.43
C LEU A 191 16.38 -9.95 5.51
N SER A 192 16.83 -9.42 6.63
CA SER A 192 15.94 -8.97 7.69
C SER A 192 16.51 -7.75 8.39
N ILE A 193 15.62 -6.84 8.80
CA ILE A 193 16.05 -5.68 9.58
C ILE A 193 16.54 -6.14 10.95
N VAL A 194 15.71 -6.91 11.64
CA VAL A 194 16.07 -7.51 12.94
C VAL A 194 15.59 -8.95 13.04
N SER A 195 16.17 -9.69 13.98
CA SER A 195 15.72 -11.03 14.34
C SER A 195 15.23 -11.02 15.78
N LEU A 196 14.52 -12.08 16.18
CA LEU A 196 14.06 -12.21 17.56
C LEU A 196 15.21 -12.05 18.56
N ILE A 197 16.37 -12.60 18.23
CA ILE A 197 17.57 -12.46 19.07
C ILE A 197 17.95 -11.00 19.36
N HIS A 198 17.75 -10.13 18.37
CA HIS A 198 18.03 -8.70 18.53
C HIS A 198 17.01 -8.05 19.47
N ILE A 199 15.75 -8.48 19.38
CA ILE A 199 14.70 -8.03 20.29
C ILE A 199 15.04 -8.40 21.74
N ILE A 200 15.37 -9.68 21.94
CA ILE A 200 15.72 -10.19 23.27
C ILE A 200 16.91 -9.45 23.87
N THR A 201 17.96 -9.25 23.08
CA THR A 201 19.18 -8.60 23.54
C THR A 201 19.03 -7.08 23.72
N TYR A 202 18.13 -6.47 22.95
CA TYR A 202 17.85 -5.04 23.08
C TYR A 202 16.95 -4.72 24.27
N LEU A 203 15.91 -5.52 24.47
CA LEU A 203 14.97 -5.34 25.58
C LEU A 203 15.54 -5.82 26.92
N GLU A 204 16.71 -6.47 26.85
CA GLU A 204 17.40 -7.01 28.03
C GLU A 204 17.50 -6.02 29.20
N GLY A 205 17.76 -4.75 28.87
CA GLY A 205 17.91 -3.70 29.88
C GLY A 205 16.64 -3.33 30.63
N ARG A 206 15.49 -3.63 30.03
CA ARG A 206 14.19 -3.29 30.62
C ARG A 206 13.06 -4.28 30.29
N ILE A 207 13.25 -5.55 30.64
CA ILE A 207 12.20 -6.56 30.44
C ILE A 207 12.16 -7.68 31.49
N THR A 208 10.95 -8.12 31.80
CA THR A 208 10.69 -9.30 32.61
C THR A 208 10.98 -10.52 31.71
N ALA A 209 11.46 -11.67 32.23
CA ALA A 209 11.53 -12.11 33.65
C ALA A 209 10.21 -12.74 34.10
N GLU A 210 9.29 -12.84 33.15
CA GLU A 210 7.99 -13.53 33.29
C GLU A 210 7.48 -13.79 31.87
N GLU A 211 7.63 -12.78 31.01
CA GLU A 211 7.39 -12.91 29.58
C GLU A 211 8.46 -13.79 28.96
N LYS A 212 9.69 -13.66 29.48
CA LYS A 212 10.82 -14.50 29.08
C LYS A 212 10.52 -16.00 29.22
N SER A 213 9.78 -16.36 30.27
CA SER A 213 9.36 -17.74 30.49
C SER A 213 8.54 -18.25 29.32
N LYS A 214 7.55 -17.47 28.88
CA LYS A 214 6.69 -17.84 27.75
C LYS A 214 7.44 -17.83 26.42
N ILE A 215 8.38 -16.89 26.27
CA ILE A 215 9.22 -16.80 25.06
C ILE A 215 10.09 -18.05 24.93
N GLU A 216 10.76 -18.42 26.03
CA GLU A 216 11.60 -19.61 26.07
C GLU A 216 10.80 -20.90 25.88
N GLN A 217 9.60 -20.95 26.47
CA GLN A 217 8.69 -22.08 26.30
C GLN A 217 8.24 -22.24 24.85
N TYR A 218 7.96 -21.11 24.18
CA TYR A 218 7.58 -21.11 22.77
C TYR A 218 8.74 -21.58 21.89
N LEU A 219 9.95 -21.09 22.20
CA LEU A 219 11.12 -21.38 21.38
C LEU A 219 11.60 -22.83 21.51
N GLN A 220 11.32 -23.47 22.63
CA GLN A 220 11.65 -24.89 22.77
C GLN A 220 10.83 -25.74 21.79
N THR A 221 9.64 -25.25 21.46
CA THR A 221 8.76 -25.94 20.51
C THR A 221 9.10 -25.57 19.06
N TYR A 222 9.24 -24.27 18.79
CA TYR A 222 9.30 -23.76 17.42
C TYR A 222 10.61 -23.09 17.00
N GLY A 223 11.47 -22.79 17.97
CA GLY A 223 12.71 -22.08 17.70
C GLY A 223 13.68 -22.90 16.87
N ALA A 224 14.37 -22.24 15.93
CA ALA A 224 15.40 -22.88 15.13
C ALA A 224 16.67 -23.07 15.95
N SER A 225 17.41 -24.13 15.66
CA SER A 225 18.62 -24.46 16.41
C SER A 225 19.90 -24.38 15.57
N ALA A 226 19.74 -24.25 14.25
CA ALA A 226 20.87 -24.19 13.33
C ALA A 226 21.40 -22.76 13.14
N ILE B 3 -10.47 24.88 -18.18
CA ILE B 3 -9.76 25.87 -19.05
C ILE B 3 -8.37 26.24 -18.51
N MET B 4 -8.34 26.79 -17.29
CA MET B 4 -7.09 27.25 -16.66
C MET B 4 -6.64 26.30 -15.56
N LEU B 5 -5.51 25.64 -15.79
CA LEU B 5 -4.99 24.62 -14.87
C LEU B 5 -4.06 25.22 -13.81
N GLU B 6 -4.14 24.66 -12.61
CA GLU B 6 -3.18 24.98 -11.56
C GLU B 6 -1.89 24.20 -11.83
N ASP B 7 -0.77 24.69 -11.29
CA ASP B 7 0.53 24.07 -11.57
C ASP B 7 0.59 22.59 -11.20
N TYR B 8 0.03 22.25 -10.04
CA TYR B 8 0.06 20.86 -9.58
C TYR B 8 -0.76 19.95 -10.50
N GLN B 9 -1.80 20.52 -11.10
CA GLN B 9 -2.61 19.79 -12.09
C GLN B 9 -1.84 19.57 -13.39
N LYS B 10 -1.18 20.62 -13.87
CA LYS B 10 -0.32 20.55 -15.05
C LYS B 10 0.74 19.45 -14.87
N ASN B 11 1.43 19.49 -13.73
CA ASN B 11 2.44 18.51 -13.39
C ASN B 11 1.89 17.08 -13.33
N PHE B 12 0.71 16.92 -12.74
CA PHE B 12 0.06 15.61 -12.66
C PHE B 12 -0.28 15.06 -14.04
N LEU B 13 -0.84 15.91 -14.90
CA LEU B 13 -1.18 15.50 -16.27
C LEU B 13 0.07 15.06 -17.04
N GLU B 14 1.17 15.80 -16.88
CA GLU B 14 2.47 15.40 -17.44
C GLU B 14 2.90 14.03 -16.92
N LEU B 15 2.71 13.82 -15.61
CA LEU B 15 3.01 12.55 -14.95
C LEU B 15 2.19 11.41 -15.55
N ALA B 16 0.89 11.67 -15.75
CA ALA B 16 -0.04 10.67 -16.29
C ALA B 16 0.35 10.27 -17.70
N ILE B 17 0.83 11.23 -18.48
CA ILE B 17 1.29 10.94 -19.84
C ILE B 17 2.66 10.25 -19.82
N GLU B 18 3.52 10.64 -18.88
CA GLU B 18 4.83 10.01 -18.72
C GLU B 18 4.72 8.49 -18.53
N CYS B 19 3.81 8.06 -17.67
CA CYS B 19 3.64 6.65 -17.36
C CYS B 19 2.49 6.00 -18.14
N GLN B 20 1.81 6.81 -18.96
CA GLN B 20 0.75 6.35 -19.85
C GLN B 20 -0.40 5.68 -19.10
N ALA B 21 -0.82 6.32 -18.00
CA ALA B 21 -1.90 5.83 -17.14
C ALA B 21 -3.25 5.77 -17.85
N LEU B 22 -3.43 6.61 -18.86
CA LEU B 22 -4.68 6.61 -19.63
C LEU B 22 -4.62 5.60 -20.77
N ARG B 23 -5.50 4.60 -20.69
CA ARG B 23 -5.55 3.52 -21.66
C ARG B 23 -6.78 3.67 -22.54
N PHE B 24 -6.65 3.23 -23.79
CA PHE B 24 -7.76 3.19 -24.72
C PHE B 24 -8.00 1.77 -25.21
N GLY B 25 -9.28 1.44 -25.38
CA GLY B 25 -9.69 0.11 -25.79
C GLY B 25 -11.13 -0.14 -25.37
N SER B 26 -11.45 -1.38 -25.04
CA SER B 26 -12.78 -1.72 -24.55
C SER B 26 -12.69 -2.27 -23.13
N PHE B 27 -13.13 -1.47 -22.17
CA PHE B 27 -13.01 -1.81 -20.76
C PHE B 27 -14.37 -1.95 -20.09
N LYS B 28 -14.50 -3.00 -19.29
CA LYS B 28 -15.66 -3.16 -18.43
C LYS B 28 -15.30 -2.57 -17.08
N LEU B 29 -16.01 -1.53 -16.68
CA LEU B 29 -15.74 -0.86 -15.41
C LEU B 29 -16.37 -1.63 -14.26
N LYS B 30 -16.01 -1.26 -13.03
CA LYS B 30 -16.58 -1.92 -11.85
C LYS B 30 -18.11 -1.82 -11.85
N SER B 31 -18.62 -0.68 -12.30
CA SER B 31 -20.05 -0.41 -12.42
C SER B 31 -20.73 -1.26 -13.50
N GLY B 32 -19.93 -1.95 -14.32
CA GLY B 32 -20.46 -2.74 -15.43
C GLY B 32 -20.62 -1.95 -16.71
N ARG B 33 -20.25 -0.67 -16.68
CA ARG B 33 -20.26 0.17 -17.88
C ARG B 33 -19.16 -0.25 -18.84
N GLU B 34 -19.45 -0.19 -20.13
CA GLU B 34 -18.43 -0.43 -21.16
C GLU B 34 -17.81 0.90 -21.60
N SER B 35 -16.56 1.11 -21.20
CA SER B 35 -15.89 2.39 -21.41
C SER B 35 -14.79 2.27 -22.47
N PRO B 36 -14.65 3.30 -23.34
CA PRO B 36 -13.59 3.31 -24.34
C PRO B 36 -12.22 3.73 -23.79
N TYR B 37 -12.20 4.17 -22.53
CA TYR B 37 -10.95 4.58 -21.89
C TYR B 37 -10.91 4.13 -20.42
N PHE B 38 -9.70 4.01 -19.89
CA PHE B 38 -9.48 3.49 -18.55
C PHE B 38 -8.23 4.16 -17.98
N PHE B 39 -8.39 4.80 -16.83
CA PHE B 39 -7.27 5.43 -16.14
C PHE B 39 -6.75 4.50 -15.06
N ASN B 40 -5.54 4.01 -15.25
CA ASN B 40 -4.95 3.03 -14.35
C ASN B 40 -3.84 3.61 -13.49
N LEU B 41 -4.17 3.93 -12.24
CA LEU B 41 -3.22 4.54 -11.31
C LEU B 41 -2.11 3.55 -10.91
N GLY B 42 -2.32 2.27 -11.19
CA GLY B 42 -1.29 1.25 -10.99
C GLY B 42 -0.06 1.46 -11.86
N LEU B 43 -0.19 2.27 -12.91
CA LEU B 43 0.93 2.53 -13.82
C LEU B 43 1.90 3.61 -13.32
N PHE B 44 1.55 4.32 -12.24
CA PHE B 44 2.50 5.16 -11.52
C PHE B 44 3.30 4.21 -10.65
N ASN B 45 4.27 3.54 -11.25
CA ASN B 45 4.84 2.32 -10.65
C ASN B 45 6.34 2.33 -10.39
N THR B 46 6.99 3.48 -10.58
CA THR B 46 8.37 3.67 -10.11
C THR B 46 8.39 4.51 -8.84
N GLY B 47 9.53 4.52 -8.16
CA GLY B 47 9.72 5.33 -6.95
C GLY B 47 9.44 6.80 -7.21
N LYS B 48 9.99 7.31 -8.30
CA LYS B 48 9.77 8.71 -8.69
C LYS B 48 8.32 9.01 -9.05
N LEU B 49 7.68 8.11 -9.80
CA LEU B 49 6.28 8.31 -10.21
C LEU B 49 5.37 8.31 -8.99
N LEU B 50 5.59 7.36 -8.08
CA LEU B 50 4.84 7.30 -6.82
C LEU B 50 5.02 8.55 -5.98
N SER B 51 6.26 9.02 -5.85
CA SER B 51 6.57 10.23 -5.10
C SER B 51 5.87 11.45 -5.68
N ASN B 52 5.94 11.61 -7.00
CA ASN B 52 5.29 12.73 -7.67
C ASN B 52 3.77 12.62 -7.63
N LEU B 53 3.25 11.39 -7.67
CA LEU B 53 1.81 11.16 -7.53
C LEU B 53 1.35 11.60 -6.14
N ALA B 54 2.13 11.25 -5.12
CA ALA B 54 1.84 11.61 -3.74
C ALA B 54 1.83 13.14 -3.58
N THR B 55 2.79 13.80 -4.23
CA THR B 55 2.88 15.26 -4.25
C THR B 55 1.59 15.90 -4.78
N ALA B 56 1.04 15.34 -5.85
CA ALA B 56 -0.20 15.86 -6.45
C ALA B 56 -1.37 15.81 -5.47
N TYR B 57 -1.56 14.65 -4.84
CA TYR B 57 -2.55 14.50 -3.80
C TYR B 57 -2.31 15.44 -2.62
N ALA B 58 -1.06 15.51 -2.15
CA ALA B 58 -0.73 16.31 -0.98
C ALA B 58 -1.03 17.80 -1.18
N ILE B 59 -0.64 18.33 -2.34
CA ILE B 59 -0.90 19.74 -2.66
C ILE B 59 -2.40 20.04 -2.63
N ALA B 60 -3.18 19.21 -3.31
CA ALA B 60 -4.64 19.34 -3.33
C ALA B 60 -5.26 19.27 -1.94
N ILE B 61 -4.77 18.36 -1.11
CA ILE B 61 -5.25 18.23 0.28
C ILE B 61 -4.89 19.47 1.10
N ILE B 62 -3.63 19.89 1.00
CA ILE B 62 -3.13 21.06 1.74
C ILE B 62 -3.94 22.33 1.40
N GLN B 63 -4.16 22.57 0.11
CA GLN B 63 -4.87 23.77 -0.33
C GLN B 63 -6.37 23.76 0.01
N SER B 64 -6.92 22.59 0.31
CA SER B 64 -8.32 22.49 0.71
C SER B 64 -8.51 22.92 2.17
N ASP B 65 -7.42 22.97 2.92
CA ASP B 65 -7.42 23.30 4.35
C ASP B 65 -8.24 22.34 5.22
N LEU B 66 -8.56 21.16 4.68
CA LEU B 66 -9.35 20.17 5.41
C LEU B 66 -8.56 19.63 6.60
N LYS B 67 -9.24 19.50 7.74
CA LYS B 67 -8.62 18.98 8.96
C LYS B 67 -9.08 17.55 9.21
N PHE B 68 -8.11 16.65 9.38
CA PHE B 68 -8.41 15.23 9.57
C PHE B 68 -7.31 14.52 10.36
N ASP B 69 -7.60 13.30 10.79
CA ASP B 69 -6.71 12.51 11.63
C ASP B 69 -6.13 11.31 10.91
N VAL B 70 -6.92 10.72 10.02
CA VAL B 70 -6.56 9.50 9.31
C VAL B 70 -6.83 9.65 7.82
N ILE B 71 -5.90 9.17 7.01
CA ILE B 71 -6.14 9.05 5.58
C ILE B 71 -6.35 7.57 5.27
N PHE B 72 -7.56 7.25 4.79
CA PHE B 72 -8.00 5.89 4.58
C PHE B 72 -8.15 5.58 3.10
N GLY B 73 -7.48 4.53 2.64
CA GLY B 73 -7.58 4.11 1.25
C GLY B 73 -8.23 2.75 1.12
N PRO B 74 -9.33 2.65 0.35
CA PRO B 74 -9.98 1.35 0.18
C PRO B 74 -9.18 0.42 -0.72
N ALA B 75 -9.19 -0.88 -0.41
CA ALA B 75 -8.56 -1.90 -1.24
C ALA B 75 -9.16 -1.88 -2.65
N TYR B 76 -8.36 -2.05 -3.70
CA TYR B 76 -6.91 -2.24 -3.60
C TYR B 76 -6.09 -0.99 -3.92
N LYS B 77 -6.54 -0.22 -4.91
CA LYS B 77 -5.78 0.93 -5.39
C LYS B 77 -5.53 1.99 -4.32
N GLY B 78 -6.45 2.11 -3.36
CA GLY B 78 -6.30 3.09 -2.30
C GLY B 78 -5.22 2.75 -1.28
N ILE B 79 -4.83 1.47 -1.19
CA ILE B 79 -3.85 1.04 -0.21
C ILE B 79 -2.49 1.74 -0.35
N PRO B 80 -1.82 1.61 -1.53
CA PRO B 80 -0.54 2.33 -1.64
C PRO B 80 -0.73 3.85 -1.57
N LEU B 81 -1.86 4.35 -2.06
CA LEU B 81 -2.17 5.78 -2.01
C LEU B 81 -2.19 6.34 -0.60
N ALA B 82 -2.90 5.65 0.30
CA ALA B 82 -2.98 6.10 1.69
C ALA B 82 -1.59 6.18 2.32
N ALA B 83 -0.78 5.15 2.08
CA ALA B 83 0.58 5.10 2.62
C ALA B 83 1.49 6.23 2.10
N ILE B 84 1.57 6.39 0.77
CA ILE B 84 2.50 7.37 0.18
C ILE B 84 2.10 8.82 0.45
N VAL B 85 0.78 9.07 0.49
CA VAL B 85 0.28 10.43 0.73
C VAL B 85 0.40 10.79 2.21
N CYS B 86 0.23 9.81 3.10
CA CYS B 86 0.49 10.03 4.52
C CYS B 86 1.94 10.47 4.72
N VAL B 87 2.88 9.73 4.13
CA VAL B 87 4.31 10.07 4.16
C VAL B 87 4.55 11.47 3.59
N LYS B 88 3.97 11.74 2.42
CA LYS B 88 4.17 13.01 1.72
C LYS B 88 3.66 14.21 2.53
N LEU B 89 2.48 14.08 3.12
CA LEU B 89 1.89 15.15 3.92
C LEU B 89 2.74 15.49 5.14
N ALA B 90 3.30 14.46 5.78
CA ALA B 90 4.22 14.66 6.90
C ALA B 90 5.52 15.34 6.46
N GLU B 91 5.93 15.09 5.22
CA GLU B 91 7.15 15.67 4.65
C GLU B 91 7.01 17.14 4.27
N ILE B 92 5.88 17.51 3.67
CA ILE B 92 5.71 18.85 3.10
C ILE B 92 4.62 19.73 3.75
N GLY B 93 3.79 19.12 4.59
CA GLY B 93 2.61 19.80 5.14
C GLY B 93 2.84 20.61 6.40
N GLY B 94 4.03 20.50 7.00
CA GLY B 94 4.35 21.22 8.23
C GLY B 94 3.78 20.57 9.48
N SER B 95 3.53 21.39 10.50
CA SER B 95 3.09 20.91 11.81
C SER B 95 1.62 20.47 11.86
N LYS B 96 0.83 20.95 10.90
CA LYS B 96 -0.59 20.58 10.83
C LYS B 96 -0.78 19.11 10.43
N PHE B 97 0.25 18.52 9.83
CA PHE B 97 0.20 17.14 9.35
C PHE B 97 1.24 16.21 9.98
N GLN B 98 1.79 16.59 11.12
CA GLN B 98 2.77 15.72 11.80
C GLN B 98 2.12 14.58 12.58
N ASN B 99 0.81 14.67 12.79
CA ASN B 99 0.09 13.68 13.59
C ASN B 99 -0.83 12.74 12.80
N ILE B 100 -1.01 12.97 11.50
CA ILE B 100 -1.94 12.13 10.75
C ILE B 100 -1.44 10.70 10.59
N GLN B 101 -2.38 9.76 10.52
CA GLN B 101 -2.09 8.35 10.40
C GLN B 101 -2.78 7.79 9.17
N TYR B 102 -2.30 6.68 8.65
CA TYR B 102 -2.92 6.03 7.50
C TYR B 102 -3.70 4.80 7.92
N ALA B 103 -4.63 4.37 7.07
CA ALA B 103 -5.37 3.14 7.29
C ALA B 103 -5.89 2.62 5.97
N PHE B 104 -6.13 1.32 5.91
CA PHE B 104 -6.78 0.69 4.76
C PHE B 104 -7.51 -0.58 5.18
N ASN B 105 -8.37 -1.09 4.31
CA ASN B 105 -9.14 -2.29 4.62
C ASN B 105 -8.66 -3.53 3.87
N ARG B 106 -8.84 -4.69 4.50
CA ARG B 106 -8.78 -5.97 3.80
C ARG B 106 -10.18 -6.22 3.24
N LYS B 107 -10.26 -7.02 2.17
CA LYS B 107 -11.56 -7.43 1.61
C LYS B 107 -12.31 -8.37 2.54
N GLU B 108 -11.56 -9.21 3.26
CA GLU B 108 -12.10 -10.16 4.24
C GLU B 108 -11.43 -9.96 5.59
N ALA B 109 -12.20 -10.09 6.65
CA ALA B 109 -11.67 -10.00 8.01
C ALA B 109 -10.57 -11.03 8.26
N LYS B 110 -9.50 -10.58 8.91
CA LYS B 110 -8.39 -11.44 9.30
C LYS B 110 -8.80 -12.28 10.51
N ASP B 111 -8.68 -13.60 10.36
CA ASP B 111 -9.19 -14.60 11.30
C ASP B 111 -8.21 -14.96 12.40
N HIS B 112 -7.11 -14.22 12.49
CA HIS B 112 -6.00 -14.52 13.40
C HIS B 112 -5.15 -13.28 13.62
N GLY B 113 -4.06 -13.44 14.36
CA GLY B 113 -3.16 -12.33 14.66
C GLY B 113 -3.89 -11.17 15.33
N GLU B 114 -3.70 -9.97 14.78
CA GLU B 114 -4.36 -8.77 15.31
C GLU B 114 -5.85 -8.75 14.97
N GLY B 115 -6.26 -9.56 13.99
CA GLY B 115 -7.65 -9.67 13.57
C GLY B 115 -8.21 -8.44 12.87
N GLY B 116 -9.45 -8.54 12.40
CA GLY B 116 -10.18 -7.39 11.86
C GLY B 116 -9.97 -7.10 10.39
N ILE B 117 -10.60 -6.02 9.92
CA ILE B 117 -10.51 -5.65 8.50
C ILE B 117 -9.63 -4.43 8.26
N ILE B 118 -9.39 -3.64 9.31
CA ILE B 118 -8.64 -2.39 9.17
C ILE B 118 -7.17 -2.54 9.55
N VAL B 119 -6.30 -2.18 8.61
CA VAL B 119 -4.85 -2.12 8.83
C VAL B 119 -4.42 -0.66 9.01
N GLY B 120 -3.52 -0.42 9.96
CA GLY B 120 -3.08 0.94 10.26
C GLY B 120 -3.83 1.50 11.44
N SER B 121 -4.18 2.79 11.36
CA SER B 121 -4.93 3.44 12.45
C SER B 121 -6.33 2.87 12.63
N ALA B 122 -6.75 2.74 13.88
CA ALA B 122 -8.14 2.45 14.20
C ALA B 122 -8.97 3.67 13.79
N LEU B 123 -10.18 3.41 13.30
CA LEU B 123 -11.00 4.47 12.72
C LEU B 123 -11.90 5.18 13.72
N GLU B 124 -12.32 4.47 14.77
CA GLU B 124 -13.26 5.02 15.75
C GLU B 124 -12.79 6.34 16.37
N ASN B 125 -13.72 7.29 16.48
CA ASN B 125 -13.50 8.60 17.10
C ASN B 125 -12.47 9.49 16.39
N LYS B 126 -12.22 9.19 15.12
CA LYS B 126 -11.24 9.96 14.34
C LYS B 126 -11.87 10.55 13.10
N ARG B 127 -11.32 11.68 12.65
CA ARG B 127 -11.73 12.33 11.41
C ARG B 127 -11.00 11.69 10.25
N ILE B 128 -11.75 11.19 9.27
CA ILE B 128 -11.19 10.38 8.20
C ILE B 128 -11.34 11.05 6.83
N LEU B 129 -10.23 11.12 6.10
CA LEU B 129 -10.21 11.49 4.69
C LEU B 129 -10.09 10.21 3.88
N ILE B 130 -11.02 9.99 2.95
CA ILE B 130 -10.94 8.82 2.09
C ILE B 130 -10.16 9.20 0.83
N ILE B 131 -9.15 8.39 0.51
CA ILE B 131 -8.37 8.57 -0.71
C ILE B 131 -8.61 7.41 -1.67
N ASP B 132 -8.85 7.73 -2.94
CA ASP B 132 -9.01 6.69 -3.94
C ASP B 132 -8.45 7.18 -5.28
N ASP B 133 -8.43 6.30 -6.27
CA ASP B 133 -7.84 6.63 -7.57
C ASP B 133 -8.77 7.41 -8.49
N VAL B 134 -9.97 6.87 -8.71
CA VAL B 134 -10.92 7.43 -9.67
C VAL B 134 -12.32 7.33 -9.09
N MET B 135 -13.22 8.22 -9.51
CA MET B 135 -14.64 8.01 -9.25
C MET B 135 -15.43 7.93 -10.54
N THR B 136 -16.24 6.88 -10.64
CA THR B 136 -17.09 6.65 -11.81
C THR B 136 -18.56 6.83 -11.39
N ALA B 137 -19.13 5.81 -10.76
CA ALA B 137 -20.51 5.88 -10.29
C ALA B 137 -20.59 6.24 -8.81
N GLY B 138 -19.46 6.13 -8.11
CA GLY B 138 -19.37 6.51 -6.70
C GLY B 138 -19.56 5.39 -5.70
N THR B 139 -19.70 4.16 -6.20
CA THR B 139 -19.97 3.00 -5.36
C THR B 139 -18.83 2.72 -4.37
N ALA B 140 -17.59 2.79 -4.84
CA ALA B 140 -16.43 2.57 -3.97
C ALA B 140 -16.39 3.52 -2.77
N ILE B 141 -16.63 4.81 -3.02
CA ILE B 141 -16.60 5.81 -1.95
C ILE B 141 -17.76 5.62 -0.98
N ASN B 142 -18.94 5.25 -1.50
CA ASN B 142 -20.08 4.93 -0.64
C ASN B 142 -19.80 3.75 0.27
N GLU B 143 -19.15 2.73 -0.28
CA GLU B 143 -18.81 1.53 0.49
C GLU B 143 -17.71 1.82 1.52
N ALA B 144 -16.79 2.71 1.16
CA ALA B 144 -15.76 3.19 2.08
C ALA B 144 -16.39 3.98 3.21
N PHE B 145 -17.34 4.86 2.88
CA PHE B 145 -18.11 5.59 3.89
C PHE B 145 -18.77 4.63 4.88
N GLU B 146 -19.41 3.59 4.35
CA GLU B 146 -20.08 2.59 5.19
C GLU B 146 -19.11 1.86 6.13
N ILE B 147 -17.96 1.45 5.62
CA ILE B 147 -16.92 0.81 6.43
C ILE B 147 -16.51 1.69 7.60
N ILE B 148 -16.27 2.97 7.30
CA ILE B 148 -15.83 3.95 8.30
C ILE B 148 -16.93 4.24 9.29
N SER B 149 -18.15 4.46 8.80
CA SER B 149 -19.31 4.77 9.66
C SER B 149 -19.62 3.61 10.62
N ASN B 150 -19.51 2.38 10.11
CA ASN B 150 -19.76 1.19 10.94
C ASN B 150 -18.66 0.97 11.99
N ALA B 151 -17.48 1.52 11.73
CA ALA B 151 -16.36 1.49 12.68
C ALA B 151 -16.42 2.67 13.66
N LYS B 152 -17.47 3.49 13.52
CA LYS B 152 -17.71 4.68 14.34
C LYS B 152 -16.66 5.78 14.12
N GLY B 153 -16.13 5.84 12.90
CA GLY B 153 -15.28 6.93 12.48
C GLY B 153 -16.08 8.01 11.78
N GLN B 154 -15.49 9.19 11.66
CA GLN B 154 -16.17 10.35 11.08
C GLN B 154 -15.54 10.75 9.75
N VAL B 155 -16.19 10.42 8.64
CA VAL B 155 -15.69 10.85 7.32
C VAL B 155 -15.86 12.37 7.21
N VAL B 156 -14.76 13.06 6.89
CA VAL B 156 -14.79 14.51 6.73
C VAL B 156 -14.48 14.96 5.30
N GLY B 157 -14.13 14.02 4.44
CA GLY B 157 -13.86 14.35 3.04
C GLY B 157 -13.34 13.19 2.24
N SER B 158 -13.20 13.42 0.94
CA SER B 158 -12.65 12.43 0.04
C SER B 158 -11.80 13.13 -1.00
N ILE B 159 -10.79 12.41 -1.49
CA ILE B 159 -10.00 12.88 -2.62
C ILE B 159 -9.71 11.76 -3.60
N ILE B 160 -9.83 12.06 -4.88
CA ILE B 160 -9.50 11.14 -5.95
C ILE B 160 -8.54 11.81 -6.93
N ALA B 161 -7.82 11.01 -7.72
CA ALA B 161 -6.94 11.56 -8.75
C ALA B 161 -7.75 12.05 -9.94
N LEU B 162 -8.66 11.21 -10.42
CA LEU B 162 -9.47 11.54 -11.59
C LEU B 162 -10.97 11.49 -11.34
N ASP B 163 -11.63 12.62 -11.57
CA ASP B 163 -13.08 12.70 -11.61
C ASP B 163 -13.51 12.42 -13.05
N ARG B 164 -14.10 11.25 -13.28
CA ARG B 164 -14.51 10.86 -14.64
C ARG B 164 -15.75 11.64 -15.13
N GLN B 165 -16.34 12.43 -14.24
CA GLN B 165 -17.46 13.33 -14.56
C GLN B 165 -18.67 12.60 -15.11
N GLU B 166 -18.93 11.43 -14.53
CA GLU B 166 -20.06 10.59 -14.90
C GLU B 166 -21.13 10.60 -13.83
N VAL B 167 -22.34 10.23 -14.21
CA VAL B 167 -23.47 10.17 -13.29
C VAL B 167 -23.41 8.90 -12.43
N VAL B 168 -24.05 8.94 -11.27
CA VAL B 168 -24.23 7.76 -10.43
C VAL B 168 -25.14 6.76 -11.16
N SER B 169 -26.21 7.30 -11.75
CA SER B 169 -27.20 6.52 -12.47
C SER B 169 -27.79 7.41 -13.56
N THR B 170 -28.03 6.82 -14.73
CA THR B 170 -28.63 7.55 -15.85
C THR B 170 -30.05 8.05 -15.52
N ASP B 171 -30.59 7.57 -14.40
CA ASP B 171 -31.94 7.95 -13.97
C ASP B 171 -31.98 9.10 -12.97
N ASP B 172 -30.80 9.54 -12.50
CA ASP B 172 -30.71 10.68 -11.59
C ASP B 172 -31.22 11.96 -12.26
N LYS B 173 -32.05 12.69 -11.52
CA LYS B 173 -32.90 13.74 -12.07
C LYS B 173 -32.18 15.01 -12.53
N GLU B 174 -31.14 15.41 -11.79
CA GLU B 174 -30.42 16.63 -12.10
C GLU B 174 -29.20 16.36 -12.97
N GLY B 175 -28.81 15.09 -13.05
CA GLY B 175 -27.62 14.70 -13.80
C GLY B 175 -26.35 15.27 -13.19
N LEU B 176 -26.34 15.41 -11.86
CA LEU B 176 -25.12 15.73 -11.13
C LEU B 176 -24.14 14.59 -11.30
N SER B 177 -22.85 14.92 -11.30
CA SER B 177 -21.81 13.91 -11.37
C SER B 177 -21.75 13.12 -10.07
N ALA B 178 -21.06 11.97 -10.11
CA ALA B 178 -20.89 11.14 -8.93
C ALA B 178 -20.23 11.92 -7.79
N THR B 179 -19.17 12.67 -8.09
CA THR B 179 -18.49 13.50 -7.09
C THR B 179 -19.41 14.56 -6.49
N GLN B 180 -20.21 15.21 -7.34
CA GLN B 180 -21.15 16.24 -6.90
C GLN B 180 -22.27 15.64 -6.02
N THR B 181 -22.75 14.46 -6.42
CA THR B 181 -23.78 13.73 -5.69
C THR B 181 -23.29 13.29 -4.31
N VAL B 182 -22.11 12.69 -4.26
CA VAL B 182 -21.50 12.22 -3.02
C VAL B 182 -21.25 13.40 -2.06
N SER B 183 -20.73 14.50 -2.60
CA SER B 183 -20.45 15.71 -1.81
C SER B 183 -21.70 16.28 -1.15
N LYS B 184 -22.79 16.34 -1.92
CA LYS B 184 -24.07 16.85 -1.42
C LYS B 184 -24.69 15.89 -0.42
N LYS B 185 -24.65 14.60 -0.73
CA LYS B 185 -25.23 13.54 0.10
C LYS B 185 -24.68 13.53 1.52
N TYR B 186 -23.36 13.58 1.63
CA TYR B 186 -22.69 13.47 2.94
C TYR B 186 -22.26 14.82 3.54
N GLY B 187 -22.45 15.89 2.78
CA GLY B 187 -22.06 17.23 3.22
C GLY B 187 -20.57 17.35 3.47
N ILE B 188 -19.79 16.69 2.62
CA ILE B 188 -18.33 16.66 2.71
C ILE B 188 -17.71 17.12 1.39
N PRO B 189 -16.50 17.71 1.44
CA PRO B 189 -15.83 17.98 0.17
C PRO B 189 -15.39 16.69 -0.54
N VAL B 190 -15.57 16.66 -1.85
CA VAL B 190 -15.00 15.60 -2.69
C VAL B 190 -14.01 16.26 -3.63
N LEU B 191 -12.73 16.11 -3.31
CA LEU B 191 -11.65 16.72 -4.07
C LEU B 191 -11.21 15.80 -5.20
N SER B 192 -10.79 16.40 -6.30
CA SER B 192 -10.19 15.65 -7.40
C SER B 192 -9.00 16.42 -7.93
N ILE B 193 -7.90 15.73 -8.18
CA ILE B 193 -6.71 16.38 -8.73
C ILE B 193 -7.06 16.97 -10.09
N VAL B 194 -7.58 16.12 -10.99
CA VAL B 194 -8.07 16.57 -12.30
C VAL B 194 -9.40 15.90 -12.65
N SER B 195 -10.05 16.45 -13.67
CA SER B 195 -11.28 15.90 -14.21
C SER B 195 -11.04 15.40 -15.64
N LEU B 196 -11.99 14.62 -16.16
CA LEU B 196 -11.87 14.08 -17.51
C LEU B 196 -11.61 15.18 -18.54
N ILE B 197 -12.35 16.28 -18.44
CA ILE B 197 -12.20 17.39 -19.38
C ILE B 197 -10.77 17.95 -19.41
N HIS B 198 -10.10 17.94 -18.26
CA HIS B 198 -8.70 18.38 -18.18
C HIS B 198 -7.76 17.49 -19.00
N ILE B 199 -7.89 16.17 -18.83
CA ILE B 199 -7.02 15.22 -19.52
C ILE B 199 -7.26 15.17 -21.03
N ILE B 200 -8.53 15.26 -21.43
CA ILE B 200 -8.88 15.29 -22.86
C ILE B 200 -8.32 16.54 -23.53
N THR B 201 -8.57 17.71 -22.93
CA THR B 201 -8.04 18.98 -23.40
C THR B 201 -6.51 18.97 -23.46
N TYR B 202 -5.87 18.39 -22.44
CA TYR B 202 -4.42 18.36 -22.34
C TYR B 202 -3.78 17.50 -23.44
N LEU B 203 -4.44 16.41 -23.80
CA LEU B 203 -3.94 15.49 -24.82
C LEU B 203 -3.97 16.09 -26.23
N GLU B 204 -4.87 17.05 -26.46
CA GLU B 204 -5.00 17.72 -27.76
C GLU B 204 -5.16 16.70 -28.89
N GLY B 205 -4.29 16.79 -29.90
CA GLY B 205 -4.35 15.90 -31.07
C GLY B 205 -3.90 14.48 -30.83
N ARG B 206 -3.42 14.17 -29.62
CA ARG B 206 -2.92 12.84 -29.29
C ARG B 206 -4.03 11.78 -29.18
N ILE B 207 -5.28 12.23 -29.18
CA ILE B 207 -6.43 11.32 -29.24
C ILE B 207 -6.82 11.09 -30.70
N THR B 208 -7.00 9.82 -31.07
CA THR B 208 -7.37 9.45 -32.43
C THR B 208 -8.83 9.79 -32.75
N ALA B 209 -9.17 9.77 -34.04
CA ALA B 209 -10.53 10.03 -34.49
C ALA B 209 -11.51 8.96 -33.99
N GLU B 210 -11.04 7.73 -33.93
CA GLU B 210 -11.82 6.60 -33.41
C GLU B 210 -12.08 6.78 -31.91
N GLU B 211 -11.04 7.12 -31.16
CA GLU B 211 -11.12 7.32 -29.71
C GLU B 211 -12.01 8.52 -29.34
N LYS B 212 -11.91 9.59 -30.14
CA LYS B 212 -12.73 10.78 -29.93
C LYS B 212 -14.23 10.47 -30.08
N SER B 213 -14.57 9.72 -31.12
CA SER B 213 -15.96 9.35 -31.39
C SER B 213 -16.53 8.47 -30.28
N LYS B 214 -15.73 7.51 -29.82
CA LYS B 214 -16.13 6.59 -28.76
C LYS B 214 -16.36 7.31 -27.42
N ILE B 215 -15.49 8.27 -27.10
CA ILE B 215 -15.61 9.08 -25.89
C ILE B 215 -16.88 9.95 -25.91
N GLU B 216 -17.18 10.53 -27.07
CA GLU B 216 -18.40 11.31 -27.27
C GLU B 216 -19.65 10.47 -27.04
N GLN B 217 -19.68 9.28 -27.64
CA GLN B 217 -20.78 8.34 -27.48
C GLN B 217 -20.97 7.93 -26.03
N TYR B 218 -19.86 7.67 -25.35
CA TYR B 218 -19.89 7.27 -23.94
C TYR B 218 -20.48 8.36 -23.06
N LEU B 219 -20.03 9.59 -23.27
CA LEU B 219 -20.44 10.72 -22.45
C LEU B 219 -21.88 11.18 -22.71
N GLN B 220 -22.36 10.94 -23.92
CA GLN B 220 -23.79 11.17 -24.22
C GLN B 220 -24.65 10.29 -23.31
N THR B 221 -24.18 9.07 -23.04
CA THR B 221 -24.89 8.14 -22.17
C THR B 221 -24.67 8.44 -20.68
N TYR B 222 -23.41 8.61 -20.27
CA TYR B 222 -23.04 8.62 -18.87
C TYR B 222 -22.54 9.95 -18.31
N GLY B 223 -22.31 10.92 -19.18
CA GLY B 223 -21.75 12.21 -18.76
C GLY B 223 -22.70 13.04 -17.93
N ALA B 224 -22.16 13.76 -16.94
CA ALA B 224 -22.94 14.66 -16.13
C ALA B 224 -23.23 15.96 -16.88
N SER B 225 -24.27 16.67 -16.46
CA SER B 225 -24.70 17.90 -17.15
C SER B 225 -24.68 19.12 -16.22
N ALA B 226 -24.55 18.89 -14.92
CA ALA B 226 -24.59 19.96 -13.92
C ALA B 226 -23.20 20.49 -13.57
MG MG C . 0.91 -10.90 5.07
N1 ORO D . 2.21 -12.13 11.86
C2 ORO D . 2.59 -10.89 12.21
O2 ORO D . 2.09 -9.91 11.62
N3 ORO D . 3.50 -10.71 13.18
C4 ORO D . 4.04 -11.74 13.83
O4 ORO D . 4.88 -11.56 14.74
C5 ORO D . 3.66 -13.04 13.49
C6 ORO D . 2.72 -13.20 12.48
C7 ORO D . 2.27 -14.56 12.06
O71 ORO D . 3.07 -15.52 12.08
O72 ORO D . 1.08 -14.70 11.68
C1 PRP E . 1.19 -12.58 8.08
C2 PRP E . 2.41 -11.72 7.83
C3 PRP E . 3.30 -12.58 6.95
C4 PRP E . 2.91 -14.01 7.34
C5 PRP E . 4.03 -14.71 8.10
O1 PRP E . 0.28 -12.46 6.97
O2 PRP E . 2.08 -10.48 7.18
O3 PRP E . 3.01 -12.38 5.57
O4 PRP E . 1.73 -13.91 8.14
O5 PRP E . 3.63 -16.06 8.38
P PRP E . 4.31 -17.32 7.65
O1P PRP E . 5.79 -17.01 7.55
O2P PRP E . 3.60 -17.40 6.33
O3P PRP E . 3.99 -18.45 8.61
PA PRP E . -1.32 -12.56 7.10
O1A PRP E . -1.92 -13.03 5.79
O2A PRP E . -1.62 -13.37 8.34
O3A PRP E . -1.80 -11.05 7.45
PB PRP E . -2.08 -9.74 6.55
O1B PRP E . -3.46 -9.96 5.98
O2B PRP E . -2.02 -8.68 7.62
O3B PRP E . -0.98 -9.64 5.51
MG MG F . -10.51 0.43 -6.06
N1 ORO G . -11.40 2.06 -12.68
C2 ORO G . -10.18 2.59 -12.92
O2 ORO G . -9.19 2.17 -12.29
N3 ORO G . -10.03 3.58 -13.83
C4 ORO G . -11.08 4.06 -14.51
O4 ORO G . -10.91 4.97 -15.35
C5 ORO G . -12.35 3.52 -14.30
C6 ORO G . -12.48 2.50 -13.35
C7 ORO G . -13.82 1.89 -13.09
O71 ORO G . -14.84 2.62 -13.07
O72 ORO G . -13.89 0.65 -12.87
C1 PRP H . -12.10 0.75 -9.11
C2 PRP H . -11.33 2.00 -8.79
C3 PRP H . -12.28 2.79 -7.88
C4 PRP H . -13.66 2.36 -8.37
C5 PRP H . -14.35 3.49 -9.14
O1 PRP H . -11.99 -0.20 -8.03
O2 PRP H . -10.09 1.70 -8.14
O3 PRP H . -12.10 2.42 -6.51
O4 PRP H . -13.45 1.22 -9.22
O5 PRP H . -15.63 3.05 -9.60
P PRP H . -16.98 3.53 -8.87
O1P PRP H . -16.85 5.01 -8.62
O2P PRP H . -17.01 2.73 -7.58
O3P PRP H . -18.06 3.14 -9.85
PA PRP H . -11.89 -1.80 -8.26
O1A PRP H . -12.33 -2.50 -6.99
O2A PRP H . -12.61 -2.12 -9.55
O3A PRP H . -10.32 -2.08 -8.55
PB PRP H . -9.06 -2.34 -7.57
O1B PRP H . -9.24 -3.76 -7.06
O2B PRP H . -7.92 -2.22 -8.57
O3B PRP H . -9.05 -1.29 -6.51
#